data_5V18
#
_entry.id   5V18
#
_cell.length_a   72.528
_cell.length_b   72.528
_cell.length_c   45.642
_cell.angle_alpha   90.000
_cell.angle_beta   90.000
_cell.angle_gamma   90.000
#
_symmetry.space_group_name_H-M   'P 41'
#
loop_
_entity.id
_entity.type
_entity.pdbx_description
1 polymer 'Egl nine homolog 1'
2 non-polymer 'SULFATE ION'
3 non-polymer 4-([1,2,4]triazolo[1,5-a]pyridin-5-yl)benzonitrile
4 non-polymer 'FE (II) ION'
5 water water
#
_entity_poly.entity_id   1
_entity_poly.type   'polypeptide(L)'
_entity_poly.pdbx_seq_one_letter_code
;GGSPNGQTKPLPALKLALEYIVPCMNKHGICVVDDFLGKETGQQIGDEVRALHDTGKFTDGQLVSQKSDSSKDIRGDKIT
WIEGKEPGCETIGLLMSSMDDLIRHCNGKLGSYKINGRTKAMVACYPGNGTGYVRHVDNPNGDGRCVTCIYYLNKDWDAK
VSGGILRIFPEGKAQFADIEPKFDRLLFFWSDRRNPHEVQPAYATRYAITVWYFDADERARAKVKYLTGEKGVRVELNK
;
_entity_poly.pdbx_strand_id   A
#
# COMPACT_ATOMS: atom_id res chain seq x y z
N GLN A 7 17.46 21.01 10.21
CA GLN A 7 16.69 21.23 11.49
C GLN A 7 15.47 20.28 11.64
N THR A 8 15.61 19.08 11.09
CA THR A 8 14.47 18.18 10.84
C THR A 8 14.59 16.94 11.73
N LYS A 9 13.43 16.37 12.10
CA LYS A 9 13.35 15.22 13.01
C LYS A 9 12.21 14.33 12.51
N PRO A 10 12.32 12.98 12.70
CA PRO A 10 11.14 12.15 12.39
C PRO A 10 10.03 12.35 13.44
N LEU A 11 8.78 12.27 13.00
CA LEU A 11 7.63 12.30 13.91
C LEU A 11 7.52 10.94 14.60
N PRO A 12 7.33 10.92 15.95
CA PRO A 12 7.02 9.65 16.61
C PRO A 12 5.70 9.08 16.07
N ALA A 13 5.68 7.75 15.90
CA ALA A 13 4.57 7.04 15.28
C ALA A 13 3.22 7.42 15.90
N LEU A 14 3.18 7.48 17.23
CA LEU A 14 1.97 7.84 17.97
C LEU A 14 1.46 9.21 17.53
N LYS A 15 2.38 10.16 17.40
CA LYS A 15 2.04 11.52 16.99
C LYS A 15 1.53 11.52 15.55
N LEU A 16 2.29 10.87 14.65
CA LEU A 16 1.88 10.75 13.23
C LEU A 16 0.52 10.06 13.10
N ALA A 17 0.31 8.97 13.84
CA ALA A 17 -0.96 8.26 13.83
C ALA A 17 -2.11 9.14 14.32
N LEU A 18 -1.97 9.68 15.53
CA LEU A 18 -3.09 10.37 16.18
C LEU A 18 -3.35 11.80 15.73
N GLU A 19 -2.31 12.55 15.36
CA GLU A 19 -2.47 13.95 14.94
C GLU A 19 -2.67 14.13 13.44
N TYR A 20 -2.40 13.09 12.64
CA TYR A 20 -2.54 13.18 11.19
C TYR A 20 -3.33 12.02 10.59
N ILE A 21 -2.86 10.78 10.73
CA ILE A 21 -3.47 9.63 10.04
C ILE A 21 -4.94 9.38 10.40
N VAL A 22 -5.24 9.35 11.70
CA VAL A 22 -6.60 9.10 12.16
C VAL A 22 -7.60 10.15 11.66
N PRO A 23 -7.33 11.45 11.90
CA PRO A 23 -8.26 12.46 11.39
C PRO A 23 -8.34 12.51 9.87
N CYS A 24 -7.20 12.40 9.18
CA CYS A 24 -7.21 12.33 7.72
C CYS A 24 -8.11 11.21 7.20
N MET A 25 -7.92 10.02 7.75
CA MET A 25 -8.70 8.85 7.33
C MET A 25 -10.18 8.99 7.66
N ASN A 26 -10.48 9.45 8.87
CA ASN A 26 -11.88 9.58 9.28
C ASN A 26 -12.59 10.67 8.47
N LYS A 27 -11.86 11.74 8.13
CA LYS A 27 -12.44 12.82 7.31
C LYS A 27 -12.50 12.50 5.81
N HIS A 28 -11.37 12.07 5.22
CA HIS A 28 -11.25 11.88 3.76
C HIS A 28 -11.19 10.42 3.27
N GLY A 29 -10.98 9.46 4.16
CA GLY A 29 -10.77 8.06 3.81
C GLY A 29 -9.51 7.73 3.01
N ILE A 30 -8.58 8.68 2.97
CA ILE A 30 -7.37 8.62 2.17
C ILE A 30 -6.34 9.42 2.95
N CYS A 31 -5.11 8.92 3.03
CA CYS A 31 -4.04 9.62 3.75
C CYS A 31 -2.68 9.30 3.17
N VAL A 32 -1.96 10.35 2.77
CA VAL A 32 -0.62 10.26 2.20
C VAL A 32 0.41 10.70 3.23
N VAL A 33 1.48 9.92 3.37
CA VAL A 33 2.59 10.24 4.23
C VAL A 33 3.86 10.12 3.39
N ASP A 34 4.45 11.27 3.09
CA ASP A 34 5.72 11.31 2.39
C ASP A 34 6.86 11.23 3.38
N ASP A 35 8.03 10.85 2.85
CA ASP A 35 9.26 10.69 3.62
C ASP A 35 9.06 9.76 4.81
N PHE A 36 8.39 8.64 4.57
CA PHE A 36 8.02 7.72 5.64
C PHE A 36 9.24 7.12 6.36
N LEU A 37 10.23 6.65 5.59
CA LEU A 37 11.41 5.96 6.14
C LEU A 37 12.77 6.61 5.90
N GLY A 38 12.82 7.66 5.07
CA GLY A 38 14.07 8.32 4.71
C GLY A 38 14.69 7.69 3.48
N LYS A 39 15.58 8.46 2.85
CA LYS A 39 16.27 8.03 1.62
C LYS A 39 17.04 6.73 1.75
N GLU A 40 17.70 6.51 2.88
CA GLU A 40 18.60 5.37 3.05
C GLU A 40 17.82 4.05 3.11
N THR A 41 16.91 3.95 4.07
CA THR A 41 16.03 2.79 4.22
C THR A 41 15.15 2.52 2.96
N GLY A 42 14.76 3.59 2.27
CA GLY A 42 13.94 3.48 1.06
C GLY A 42 14.68 2.93 -0.15
N GLN A 43 15.91 3.39 -0.38
CA GLN A 43 16.78 2.85 -1.44
C GLN A 43 17.18 1.41 -1.17
N GLN A 44 17.36 1.07 0.11
CA GLN A 44 17.60 -0.33 0.54
C GLN A 44 16.41 -1.21 0.18
N ILE A 45 15.20 -0.74 0.46
CA ILE A 45 13.98 -1.48 0.08
C ILE A 45 13.93 -1.63 -1.45
N GLY A 46 14.21 -0.55 -2.17
CA GLY A 46 14.26 -0.57 -3.64
C GLY A 46 15.23 -1.58 -4.22
N ASP A 47 16.43 -1.64 -3.64
CA ASP A 47 17.44 -2.60 -4.07
C ASP A 47 17.02 -4.04 -3.81
N GLU A 48 16.45 -4.30 -2.63
CA GLU A 48 15.89 -5.62 -2.29
C GLU A 48 14.78 -6.03 -3.25
N VAL A 49 13.88 -5.09 -3.55
CA VAL A 49 12.77 -5.36 -4.46
C VAL A 49 13.32 -5.64 -5.87
N ARG A 50 14.28 -4.81 -6.30
CA ARG A 50 14.92 -4.97 -7.61
C ARG A 50 15.74 -6.26 -7.70
N ALA A 51 16.34 -6.68 -6.59
CA ALA A 51 17.09 -7.94 -6.57
C ALA A 51 16.16 -9.15 -6.72
N LEU A 52 15.01 -9.11 -6.05
CA LEU A 52 14.00 -10.15 -6.23
C LEU A 52 13.54 -10.27 -7.68
N HIS A 53 13.36 -9.12 -8.34
CA HIS A 53 12.93 -9.07 -9.73
C HIS A 53 13.98 -9.63 -10.68
N ASP A 54 15.22 -9.17 -10.53
CA ASP A 54 16.32 -9.57 -11.42
C ASP A 54 16.62 -11.07 -11.34
N THR A 55 16.44 -11.64 -10.13
CA THR A 55 16.72 -13.06 -9.88
C THR A 55 15.52 -13.97 -10.20
N GLY A 56 14.39 -13.39 -10.62
CA GLY A 56 13.28 -14.16 -11.17
C GLY A 56 12.36 -14.78 -10.12
N LYS A 57 12.13 -14.05 -9.03
CA LYS A 57 11.27 -14.51 -7.95
C LYS A 57 9.82 -14.01 -8.06
N PHE A 58 9.52 -13.20 -9.09
CA PHE A 58 8.17 -12.65 -9.29
C PHE A 58 7.35 -13.58 -10.20
N THR A 59 6.03 -13.55 -10.04
CA THR A 59 5.09 -14.30 -10.88
C THR A 59 4.18 -13.35 -11.66
N ASP A 60 3.89 -13.70 -12.91
CA ASP A 60 2.99 -12.92 -13.78
C ASP A 60 1.63 -12.66 -13.11
N GLY A 61 1.30 -11.38 -12.95
CA GLY A 61 0.12 -10.93 -12.21
C GLY A 61 -1.22 -11.22 -12.85
N GLN A 62 -1.23 -11.42 -14.17
CA GLN A 62 -2.44 -11.79 -14.89
C GLN A 62 -2.86 -13.24 -14.60
N LEU A 63 -1.88 -14.11 -14.32
CA LEU A 63 -2.16 -15.49 -13.89
C LEU A 63 -2.83 -15.56 -12.49
N VAL A 64 -2.64 -14.54 -11.67
CA VAL A 64 -3.22 -14.52 -10.30
C VAL A 64 -4.70 -14.16 -10.31
N SER A 65 -5.07 -13.13 -11.09
CA SER A 65 -6.42 -12.53 -11.05
C SER A 65 -7.47 -13.20 -11.94
N GLN A 66 -7.04 -13.82 -13.04
CA GLN A 66 -7.94 -14.26 -14.12
C GLN A 66 -8.93 -15.40 -13.77
N LYS A 67 -9.85 -15.65 -14.71
CA LYS A 67 -10.68 -16.86 -14.73
C LYS A 67 -10.99 -17.25 -16.18
N ASP A 77 1.75 -6.73 -15.17
CA ASP A 77 2.48 -6.69 -13.90
C ASP A 77 3.07 -8.06 -13.51
N LYS A 78 4.01 -8.03 -12.57
CA LYS A 78 4.59 -9.22 -11.95
C LYS A 78 4.66 -9.00 -10.44
N ILE A 79 4.35 -10.04 -9.65
CA ILE A 79 4.26 -9.92 -8.19
C ILE A 79 4.92 -11.07 -7.42
N THR A 80 5.23 -10.79 -6.16
CA THR A 80 5.58 -11.82 -5.18
C THR A 80 4.97 -11.44 -3.84
N TRP A 81 4.78 -12.43 -2.96
CA TRP A 81 4.34 -12.20 -1.59
C TRP A 81 5.49 -12.38 -0.61
N ILE A 82 5.75 -11.36 0.19
CA ILE A 82 6.86 -11.35 1.13
C ILE A 82 6.38 -11.32 2.58
N GLU A 83 6.81 -12.32 3.35
CA GLU A 83 6.49 -12.44 4.77
C GLU A 83 7.30 -11.45 5.63
N GLY A 84 8.53 -11.20 5.24
CA GLY A 84 9.39 -10.24 5.94
C GLY A 84 10.66 -10.82 6.53
N LYS A 85 10.68 -12.13 6.78
CA LYS A 85 11.86 -12.82 7.37
C LYS A 85 12.73 -13.58 6.38
N GLU A 86 12.40 -13.54 5.08
CA GLU A 86 13.14 -14.29 4.07
C GLU A 86 14.52 -13.65 3.87
N PRO A 87 15.51 -14.44 3.40
CA PRO A 87 16.80 -13.84 3.08
C PRO A 87 16.68 -12.78 1.97
N GLY A 88 17.38 -11.66 2.14
CA GLY A 88 17.35 -10.56 1.18
C GLY A 88 16.12 -9.66 1.25
N CYS A 89 15.27 -9.85 2.28
CA CYS A 89 14.03 -9.08 2.46
C CYS A 89 13.94 -8.41 3.86
N GLU A 90 15.10 -8.17 4.49
CA GLU A 90 15.14 -7.66 5.88
C GLU A 90 14.50 -6.28 6.03
N THR A 91 14.80 -5.40 5.08
CA THR A 91 14.27 -4.03 5.11
C THR A 91 12.80 -3.97 4.71
N ILE A 92 12.37 -4.89 3.84
CA ILE A 92 10.94 -5.04 3.56
C ILE A 92 10.24 -5.42 4.87
N GLY A 93 10.86 -6.32 5.62
CA GLY A 93 10.39 -6.66 6.98
C GLY A 93 10.28 -5.46 7.91
N LEU A 94 11.28 -4.57 7.87
CA LEU A 94 11.25 -3.30 8.63
C LEU A 94 10.13 -2.36 8.20
N LEU A 95 9.94 -2.21 6.89
CA LEU A 95 8.81 -1.44 6.38
C LEU A 95 7.51 -1.93 7.00
N MET A 96 7.30 -3.24 6.92
CA MET A 96 6.12 -3.90 7.46
C MET A 96 5.93 -3.65 8.97
N SER A 97 7.02 -3.72 9.73
CA SER A 97 7.02 -3.38 11.17
C SER A 97 6.62 -1.96 11.46
N SER A 98 7.17 -1.03 10.67
CA SER A 98 6.82 0.39 10.78
C SER A 98 5.36 0.67 10.41
N MET A 99 4.85 0.00 9.37
CA MET A 99 3.42 0.12 9.03
C MET A 99 2.56 -0.41 10.18
N ASP A 100 2.92 -1.58 10.68
CA ASP A 100 2.18 -2.23 11.78
C ASP A 100 2.10 -1.34 13.02
N ASP A 101 3.22 -0.66 13.32
CA ASP A 101 3.27 0.26 14.46
C ASP A 101 2.27 1.40 14.34
N LEU A 102 2.22 2.03 13.17
CA LEU A 102 1.26 3.08 12.90
C LEU A 102 -0.17 2.62 13.06
N ILE A 103 -0.50 1.49 12.44
CA ILE A 103 -1.85 0.93 12.55
C ILE A 103 -2.18 0.60 14.01
N ARG A 104 -1.18 0.12 14.74
CA ARG A 104 -1.37 -0.21 16.17
C ARG A 104 -1.80 1.04 16.96
N HIS A 105 -1.11 2.16 16.74
CA HIS A 105 -1.44 3.44 17.41
C HIS A 105 -2.79 4.01 16.98
N CYS A 106 -3.18 3.75 15.73
CA CYS A 106 -4.50 4.14 15.23
C CYS A 106 -5.62 3.30 15.84
N ASN A 107 -5.37 1.99 15.91
CA ASN A 107 -6.44 1.00 16.14
C ASN A 107 -7.37 1.36 17.30
N GLY A 108 -8.66 1.19 17.05
CA GLY A 108 -9.72 1.76 17.90
C GLY A 108 -10.36 2.98 17.26
N LYS A 109 -9.56 3.83 16.62
CA LYS A 109 -10.03 5.14 16.16
C LYS A 109 -10.20 5.27 14.64
N LEU A 110 -9.90 4.21 13.88
CA LEU A 110 -10.18 4.16 12.44
C LEU A 110 -11.58 3.59 12.23
N GLY A 111 -12.57 4.48 12.11
CA GLY A 111 -13.99 4.09 12.12
C GLY A 111 -14.31 3.27 13.36
N SER A 112 -15.13 2.24 13.19
CA SER A 112 -15.36 1.22 14.22
C SER A 112 -14.57 -0.08 13.95
N TYR A 113 -13.59 -0.03 13.05
CA TYR A 113 -12.77 -1.21 12.76
C TYR A 113 -11.90 -1.55 13.97
N LYS A 114 -11.68 -2.84 14.19
CA LYS A 114 -10.65 -3.31 15.11
C LYS A 114 -9.77 -4.29 14.36
N ILE A 115 -8.57 -3.82 14.06
CA ILE A 115 -7.64 -4.48 13.15
C ILE A 115 -6.82 -5.51 13.90
N ASN A 116 -7.08 -6.78 13.62
CA ASN A 116 -6.41 -7.90 14.29
C ASN A 116 -5.35 -8.59 13.43
N GLY A 117 -4.97 -7.97 12.32
CA GLY A 117 -4.01 -8.59 11.41
C GLY A 117 -3.93 -7.95 10.04
N ARG A 118 -3.19 -8.61 9.14
CA ARG A 118 -2.95 -8.12 7.80
C ARG A 118 -2.52 -9.24 6.88
N THR A 119 -2.45 -8.92 5.59
CA THR A 119 -1.83 -9.79 4.63
C THR A 119 -0.32 -9.69 4.75
N LYS A 120 0.36 -10.57 4.05
CA LYS A 120 1.78 -10.39 3.78
C LYS A 120 1.93 -9.24 2.77
N ALA A 121 3.18 -8.85 2.52
CA ALA A 121 3.49 -7.75 1.62
C ALA A 121 3.39 -8.23 0.17
N MET A 122 2.59 -7.54 -0.64
CA MET A 122 2.55 -7.82 -2.07
C MET A 122 3.53 -6.90 -2.78
N VAL A 123 4.63 -7.49 -3.24
CA VAL A 123 5.71 -6.75 -3.87
C VAL A 123 5.51 -6.92 -5.36
N ALA A 124 5.43 -5.78 -6.06
CA ALA A 124 5.00 -5.77 -7.45
C ALA A 124 5.90 -4.90 -8.31
N CYS A 125 6.12 -5.38 -9.53
CA CYS A 125 6.73 -4.62 -10.58
C CYS A 125 5.68 -4.35 -11.65
N TYR A 126 5.54 -3.07 -12.01
CA TYR A 126 4.59 -2.66 -13.04
C TYR A 126 5.42 -2.10 -14.20
N PRO A 127 5.51 -2.84 -15.31
CA PRO A 127 6.51 -2.55 -16.35
C PRO A 127 6.33 -1.22 -17.11
N GLY A 128 5.12 -0.67 -17.12
CA GLY A 128 4.89 0.66 -17.71
C GLY A 128 5.07 0.67 -19.22
N ASN A 129 4.04 0.23 -19.91
CA ASN A 129 4.01 0.21 -21.37
C ASN A 129 2.60 0.52 -21.88
N GLY A 130 1.94 1.47 -21.23
CA GLY A 130 0.53 1.75 -21.48
C GLY A 130 -0.43 0.97 -20.59
N THR A 131 0.12 0.10 -19.74
CA THR A 131 -0.59 -0.38 -18.54
C THR A 131 -0.44 0.68 -17.47
N TYR A 133 -4.70 0.33 -15.67
CA TYR A 133 -5.51 -0.47 -14.72
C TYR A 133 -6.84 0.20 -14.46
N VAL A 134 -7.92 -0.48 -14.83
CA VAL A 134 -9.26 0.11 -14.81
C VAL A 134 -9.78 0.35 -13.38
N ARG A 135 -10.77 1.21 -13.28
CA ARG A 135 -11.43 1.51 -12.01
C ARG A 135 -11.91 0.23 -11.33
N HIS A 136 -11.57 0.08 -10.05
CA HIS A 136 -11.97 -1.07 -9.27
C HIS A 136 -12.01 -0.72 -7.79
N VAL A 137 -12.61 -1.62 -7.02
CA VAL A 137 -12.66 -1.56 -5.58
C VAL A 137 -11.85 -2.74 -5.11
N ASP A 138 -10.96 -2.54 -4.13
CA ASP A 138 -10.10 -3.61 -3.64
C ASP A 138 -10.92 -4.73 -2.99
N ASN A 139 -11.85 -4.34 -2.13
CA ASN A 139 -12.70 -5.24 -1.37
C ASN A 139 -14.17 -4.89 -1.59
N PRO A 140 -14.78 -5.42 -2.68
CA PRO A 140 -16.18 -5.12 -2.95
C PRO A 140 -17.19 -5.97 -2.15
N ASN A 141 -16.78 -7.19 -1.79
CA ASN A 141 -17.69 -8.22 -1.28
C ASN A 141 -17.43 -8.58 0.19
N GLY A 142 -17.02 -7.61 1.00
CA GLY A 142 -16.76 -7.89 2.42
C GLY A 142 -15.80 -9.06 2.67
N ASP A 143 -14.66 -9.08 1.99
CA ASP A 143 -13.63 -10.12 2.23
C ASP A 143 -12.82 -9.94 3.51
N GLY A 144 -13.08 -8.87 4.27
CA GLY A 144 -12.45 -8.64 5.57
C GLY A 144 -11.41 -7.53 5.59
N ARG A 145 -10.91 -7.12 4.42
CA ARG A 145 -9.86 -6.11 4.35
C ARG A 145 -10.45 -4.70 4.44
N CYS A 146 -9.99 -3.91 5.40
CA CYS A 146 -10.53 -2.57 5.64
C CYS A 146 -9.61 -1.41 5.27
N VAL A 147 -8.30 -1.59 5.34
CA VAL A 147 -7.37 -0.52 4.97
C VAL A 147 -6.35 -1.07 3.99
N THR A 148 -6.16 -0.36 2.89
CA THR A 148 -5.11 -0.62 1.90
C THR A 148 -3.95 0.31 2.21
N CYS A 149 -2.74 -0.24 2.22
CA CYS A 149 -1.51 0.49 2.51
C CYS A 149 -0.55 0.22 1.37
N ILE A 150 -0.15 1.25 0.64
CA ILE A 150 0.81 1.11 -0.45
C ILE A 150 2.04 1.98 -0.15
N TYR A 151 3.21 1.38 -0.36
CA TYR A 151 4.49 2.07 -0.21
C TYR A 151 5.23 2.07 -1.55
N TYR A 152 5.52 3.27 -2.07
CA TYR A 152 6.11 3.42 -3.41
C TYR A 152 7.65 3.61 -3.36
N LEU A 153 8.30 3.15 -4.41
CA LEU A 153 9.76 3.01 -4.44
C LEU A 153 10.41 3.63 -5.67
N ASN A 154 9.72 4.55 -6.36
CA ASN A 154 10.20 5.02 -7.67
C ASN A 154 10.95 6.35 -7.53
N LYS A 155 12.28 6.28 -7.64
CA LYS A 155 13.13 7.45 -7.42
C LYS A 155 12.98 8.46 -8.54
N ASP A 156 12.71 9.70 -8.17
CA ASP A 156 12.59 10.82 -9.12
C ASP A 156 11.51 10.58 -10.16
N TRP A 157 10.36 10.07 -9.71
CA TRP A 157 9.26 9.84 -10.62
C TRP A 157 8.73 11.18 -11.08
N ASP A 158 8.65 11.36 -12.39
CA ASP A 158 8.07 12.55 -13.00
C ASP A 158 6.80 12.13 -13.72
N ALA A 159 5.66 12.51 -13.15
CA ALA A 159 4.35 12.08 -13.64
C ALA A 159 3.96 12.69 -14.99
N LYS A 160 4.43 13.91 -15.28
CA LYS A 160 4.17 14.55 -16.58
C LYS A 160 4.66 13.69 -17.74
N VAL A 161 5.89 13.20 -17.60
CA VAL A 161 6.53 12.40 -18.64
C VAL A 161 6.13 10.93 -18.56
N SER A 162 6.13 10.38 -17.34
CA SER A 162 6.01 8.94 -17.12
C SER A 162 4.60 8.43 -16.80
N GLY A 163 3.67 9.31 -16.42
CA GLY A 163 2.30 8.90 -16.06
C GLY A 163 2.23 8.12 -14.76
N GLY A 164 1.36 7.11 -14.71
CA GLY A 164 1.24 6.21 -13.57
C GLY A 164 0.56 6.77 -12.34
N ILE A 165 -0.22 7.85 -12.50
CA ILE A 165 -0.92 8.46 -11.37
C ILE A 165 -2.04 7.54 -10.87
N LEU A 166 -2.08 7.29 -9.55
CA LEU A 166 -3.25 6.68 -8.92
C LEU A 166 -4.34 7.75 -8.71
N ARG A 167 -5.49 7.54 -9.33
CA ARG A 167 -6.62 8.44 -9.16
C ARG A 167 -7.66 7.72 -8.31
N ILE A 168 -8.06 8.34 -7.20
CA ILE A 168 -9.07 7.78 -6.29
C ILE A 168 -10.31 8.68 -6.31
N PHE A 169 -11.48 8.07 -6.40
CA PHE A 169 -12.76 8.80 -6.46
C PHE A 169 -13.57 8.44 -5.23
N PRO A 170 -13.32 9.13 -4.10
CA PRO A 170 -14.09 8.82 -2.90
C PRO A 170 -15.59 8.90 -3.18
N GLU A 171 -16.31 7.88 -2.75
CA GLU A 171 -17.73 7.75 -3.05
C GLU A 171 -18.55 8.81 -2.29
N GLY A 172 -19.46 9.46 -2.99
CA GLY A 172 -20.30 10.49 -2.39
C GLY A 172 -19.58 11.74 -1.94
N LYS A 173 -18.48 12.06 -2.60
CA LYS A 173 -17.75 13.30 -2.39
C LYS A 173 -17.60 14.07 -3.70
N ALA A 174 -17.54 15.40 -3.59
CA ALA A 174 -17.33 16.29 -4.74
C ALA A 174 -15.83 16.59 -4.96
N GLN A 175 -14.98 15.62 -4.65
CA GLN A 175 -13.54 15.75 -4.80
C GLN A 175 -12.95 14.37 -5.18
N PHE A 176 -11.75 14.39 -5.73
CA PHE A 176 -11.00 13.19 -6.07
C PHE A 176 -9.53 13.43 -5.75
N ALA A 177 -8.73 12.38 -5.76
CA ALA A 177 -7.32 12.46 -5.35
C ALA A 177 -6.43 11.92 -6.45
N ASP A 178 -5.35 12.65 -6.74
CA ASP A 178 -4.33 12.27 -7.70
C ASP A 178 -3.05 12.06 -6.91
N ILE A 179 -2.64 10.80 -6.80
CA ILE A 179 -1.50 10.38 -5.99
C ILE A 179 -0.39 9.90 -6.95
N GLU A 180 0.68 10.66 -7.03
CA GLU A 180 1.87 10.21 -7.76
C GLU A 180 2.53 9.04 -7.03
N PRO A 181 3.04 8.04 -7.77
CA PRO A 181 3.68 6.88 -7.15
C PRO A 181 5.13 7.21 -6.73
N LYS A 182 5.26 8.14 -5.79
CA LYS A 182 6.52 8.80 -5.48
C LYS A 182 7.38 8.01 -4.48
N PHE A 183 8.71 8.08 -4.66
CA PHE A 183 9.67 7.48 -3.73
C PHE A 183 9.37 7.83 -2.29
N ASP A 184 9.29 6.80 -1.45
CA ASP A 184 9.14 6.93 0.00
C ASP A 184 7.78 7.46 0.46
N ARG A 185 6.78 7.37 -0.42
CA ARG A 185 5.42 7.71 -0.10
C ARG A 185 4.68 6.49 0.41
N LEU A 186 4.05 6.65 1.56
CA LEU A 186 3.15 5.68 2.14
C LEU A 186 1.72 6.21 1.97
N LEU A 187 0.83 5.36 1.46
CA LEU A 187 -0.55 5.70 1.20
C LEU A 187 -1.47 4.74 1.93
N PHE A 188 -2.46 5.30 2.64
CA PHE A 188 -3.55 4.54 3.25
C PHE A 188 -4.85 4.94 2.59
N PHE A 189 -5.72 3.98 2.35
CA PHE A 189 -7.12 4.27 2.03
C PHE A 189 -8.05 3.12 2.40
N TRP A 190 -9.33 3.44 2.67
CA TRP A 190 -10.35 2.40 2.91
C TRP A 190 -10.41 1.49 1.69
N SER A 191 -10.31 0.19 1.91
CA SER A 191 -10.30 -0.81 0.84
C SER A 191 -11.68 -1.07 0.24
N ASP A 192 -12.74 -0.65 0.93
CA ASP A 192 -14.11 -0.97 0.47
C ASP A 192 -14.59 -0.02 -0.64
N ARG A 193 -15.87 -0.17 -0.99
CA ARG A 193 -16.50 0.62 -2.05
C ARG A 193 -16.40 2.14 -1.94
N ARG A 194 -16.09 2.67 -0.76
CA ARG A 194 -15.81 4.10 -0.61
C ARG A 194 -14.72 4.64 -1.53
N ASN A 195 -13.75 3.80 -1.91
CA ASN A 195 -12.61 4.25 -2.70
C ASN A 195 -12.38 3.42 -3.97
N PRO A 196 -13.30 3.55 -4.96
CA PRO A 196 -12.92 3.10 -6.29
C PRO A 196 -11.73 3.94 -6.78
N HIS A 197 -10.78 3.28 -7.44
CA HIS A 197 -9.59 3.94 -7.96
C HIS A 197 -9.11 3.32 -9.26
N GLU A 198 -8.42 4.12 -10.05
CA GLU A 198 -7.79 3.68 -11.30
C GLU A 198 -6.32 4.12 -11.31
N VAL A 199 -5.55 3.46 -12.15
CA VAL A 199 -4.15 3.82 -12.38
C VAL A 199 -4.03 4.25 -13.85
N GLN A 200 -3.61 5.49 -14.06
CA GLN A 200 -3.38 5.99 -15.41
C GLN A 200 -2.20 5.24 -16.04
N PRO A 201 -2.17 5.13 -17.38
CA PRO A 201 -1.05 4.50 -18.07
C PRO A 201 0.31 5.06 -17.62
N ALA A 202 1.28 4.17 -17.45
CA ALA A 202 2.65 4.55 -17.12
C ALA A 202 3.60 4.21 -18.28
N TYR A 203 4.70 4.96 -18.37
CA TYR A 203 5.69 4.79 -19.45
C TYR A 203 7.12 4.51 -18.95
N ALA A 204 7.26 4.17 -17.67
CA ALA A 204 8.51 3.65 -17.11
C ALA A 204 8.16 2.58 -16.06
N THR A 205 9.15 1.77 -15.72
CA THR A 205 8.98 0.69 -14.76
C THR A 205 8.71 1.23 -13.35
N ARG A 206 7.70 0.66 -12.68
CA ARG A 206 7.38 1.05 -11.32
C ARG A 206 7.45 -0.13 -10.36
N TYR A 207 7.78 0.17 -9.10
CA TYR A 207 7.77 -0.78 -7.99
C TYR A 207 6.94 -0.24 -6.84
N ALA A 208 6.15 -1.12 -6.23
CA ALA A 208 5.40 -0.76 -5.04
C ALA A 208 5.20 -1.99 -4.19
N ILE A 209 4.87 -1.76 -2.92
CA ILE A 209 4.63 -2.81 -1.95
C ILE A 209 3.27 -2.48 -1.32
N THR A 210 2.31 -3.39 -1.45
CA THR A 210 0.99 -3.24 -0.87
C THR A 210 0.73 -4.24 0.26
N VAL A 211 0.17 -3.75 1.35
CA VAL A 211 -0.34 -4.56 2.46
C VAL A 211 -1.81 -4.17 2.70
N TRP A 212 -2.65 -5.15 3.01
CA TRP A 212 -4.02 -4.91 3.41
C TRP A 212 -4.21 -5.30 4.85
N TYR A 213 -4.95 -4.48 5.60
CA TYR A 213 -5.25 -4.75 7.02
C TYR A 213 -6.68 -5.27 7.17
N PHE A 214 -6.85 -6.23 8.08
CA PHE A 214 -8.12 -6.90 8.32
C PHE A 214 -8.85 -6.34 9.53
N ASP A 215 -10.15 -6.11 9.38
CA ASP A 215 -11.04 -5.92 10.52
C ASP A 215 -11.47 -7.29 11.05
N ALA A 216 -11.48 -7.46 12.36
CA ALA A 216 -11.78 -8.77 12.99
C ALA A 216 -13.19 -9.33 12.68
N ASP A 217 -14.21 -8.49 12.87
CA ASP A 217 -15.61 -8.92 12.64
C ASP A 217 -15.90 -9.26 11.19
N GLU A 218 -15.50 -8.40 10.26
CA GLU A 218 -15.74 -8.66 8.84
C GLU A 218 -14.96 -9.91 8.35
N ARG A 219 -13.72 -10.06 8.80
CA ARG A 219 -12.90 -11.25 8.49
C ARG A 219 -13.56 -12.55 8.99
N ALA A 220 -13.98 -12.54 10.25
CA ALA A 220 -14.67 -13.70 10.84
C ALA A 220 -16.01 -14.03 10.14
N ARG A 221 -16.70 -13.02 9.61
CA ARG A 221 -17.99 -13.23 8.91
C ARG A 221 -17.88 -13.58 7.41
N ALA A 222 -16.68 -13.54 6.84
CA ALA A 222 -16.50 -13.68 5.39
C ALA A 222 -16.95 -15.04 4.87
N GLY A 229 -7.29 -17.06 -1.72
CA GLY A 229 -5.85 -17.22 -1.92
C GLY A 229 -5.02 -16.53 -0.85
N GLU A 230 -3.89 -15.96 -1.25
CA GLU A 230 -2.96 -15.30 -0.32
C GLU A 230 -3.52 -13.97 0.23
N LYS A 231 -4.40 -13.32 -0.53
CA LYS A 231 -5.16 -12.15 -0.03
C LYS A 231 -6.14 -12.44 1.13
N GLY A 232 -6.49 -13.71 1.34
CA GLY A 232 -7.31 -14.14 2.48
C GLY A 232 -6.54 -14.68 3.68
N VAL A 233 -5.21 -14.53 3.69
CA VAL A 233 -4.37 -15.04 4.78
C VAL A 233 -4.04 -13.90 5.74
N ARG A 234 -4.53 -14.02 6.96
CA ARG A 234 -4.29 -13.03 8.00
C ARG A 234 -3.06 -13.45 8.80
N VAL A 235 -2.06 -12.58 8.85
CA VAL A 235 -0.95 -12.76 9.80
C VAL A 235 -1.06 -11.72 10.91
N GLU A 236 -0.40 -11.99 12.03
CA GLU A 236 -0.41 -11.10 13.18
C GLU A 236 0.45 -9.85 12.87
N LEU A 237 0.18 -8.75 13.57
CA LEU A 237 0.88 -7.47 13.32
C LEU A 237 2.39 -7.50 13.59
#